data_1LRK
#
_entry.id   1LRK
#
_cell.length_a   83.800
_cell.length_b   83.800
_cell.length_c   109.600
_cell.angle_alpha   90.00
_cell.angle_beta   90.00
_cell.angle_gamma   120.00
#
_symmetry.space_group_name_H-M   'P 32 2 1'
#
loop_
_entity.id
_entity.type
_entity.pdbx_description
1 polymer 'UDP-glucose 4-epimerase'
2 non-polymer 'SODIUM ION'
3 non-polymer NICOTINAMIDE-ADENINE-DINUCLEOTIDE
4 non-polymer URIDINE-DIPHOSPHATE-N-ACETYLGLUCOSAMINE
5 non-polymer 'TRIETHYLENE GLYCOL'
6 water water
#
_entity_poly.entity_id   1
_entity_poly.type   'polypeptide(L)'
_entity_poly.pdbx_seq_one_letter_code
;MRVLVTGGSGYIGSHTCVQLLQNGHDVIILDNLCNSKRSVLPVIERLGGKHPTFVEGDIRNEALMTEILHDHAIDTVIHF
AGLKAVGESVQKPLEYYDNNVNGTLRLISAMRAANVKNFIFSSSATVYGDNPKIPYVESFPTGTPQSPYGKSKLMVEQIL
TDLQKAQPDWSIALLRYFNPVGAHPSGDMGEDPQGIPNNLMPYIAQVAVGRRDSLAIFGNDYPTEDGTGVRDYIHVMDLA
DGHVVAMEKLANKPGVHIYNLGAGVGNSVLDVVNAFSKACGKPVNYHFAPRREGDLPACWADASKADRELNWRVTRTLDE
MAQDTWHWQSRHPQGYPD
;
_entity_poly.pdbx_strand_id   A
#
# COMPACT_ATOMS: atom_id res chain seq x y z
N MET A 1 14.08 -9.91 -13.79
CA MET A 1 13.06 -9.38 -14.71
C MET A 1 13.18 -7.88 -14.86
N ARG A 2 12.57 -7.40 -15.96
CA ARG A 2 12.52 -5.97 -16.21
C ARG A 2 11.12 -5.49 -15.74
N VAL A 3 11.20 -4.70 -14.69
CA VAL A 3 10.01 -4.23 -14.04
C VAL A 3 9.77 -2.72 -14.00
N LEU A 4 8.55 -2.35 -14.44
CA LEU A 4 8.17 -0.98 -14.36
C LEU A 4 7.38 -0.86 -13.05
N VAL A 5 7.79 0.05 -12.18
CA VAL A 5 7.05 0.25 -10.96
C VAL A 5 6.40 1.65 -10.99
N THR A 6 5.10 1.73 -11.24
CA THR A 6 4.41 3.02 -11.22
C THR A 6 4.25 3.37 -9.73
N GLY A 7 4.34 4.66 -9.45
CA GLY A 7 4.22 5.14 -8.11
C GLY A 7 5.42 4.69 -7.26
N GLY A 8 6.52 4.31 -7.97
CA GLY A 8 7.76 3.81 -7.39
C GLY A 8 8.41 4.72 -6.35
N SER A 9 8.17 6.06 -6.37
CA SER A 9 8.76 6.98 -5.37
C SER A 9 7.90 7.18 -4.11
N GLY A 10 6.69 6.56 -4.09
CA GLY A 10 5.82 6.71 -2.97
C GLY A 10 6.27 5.83 -1.81
N TYR A 11 5.40 5.76 -0.83
CA TYR A 11 5.68 5.00 0.37
C TYR A 11 5.90 3.53 0.15
N ILE A 12 4.83 2.89 -0.21
CA ILE A 12 4.99 1.46 -0.44
C ILE A 12 5.96 1.16 -1.59
N GLY A 13 5.80 1.94 -2.67
CA GLY A 13 6.63 1.75 -3.87
C GLY A 13 8.12 1.87 -3.60
N SER A 14 8.54 2.89 -2.84
CA SER A 14 9.96 3.06 -2.55
C SER A 14 10.58 1.82 -1.87
N HIS A 15 9.91 1.33 -0.84
CA HIS A 15 10.38 0.14 -0.16
C HIS A 15 10.37 -1.04 -1.12
N THR A 16 9.33 -1.16 -1.92
CA THR A 16 9.33 -2.26 -2.84
C THR A 16 10.49 -2.22 -3.81
N CYS A 17 10.78 -1.02 -4.25
CA CYS A 17 11.84 -0.86 -5.23
C CYS A 17 13.15 -1.31 -4.67
N VAL A 18 13.40 -0.93 -3.42
CA VAL A 18 14.67 -1.34 -2.82
C VAL A 18 14.83 -2.86 -2.85
N GLN A 19 13.74 -3.56 -2.47
CA GLN A 19 13.76 -5.05 -2.45
C GLN A 19 13.94 -5.63 -3.83
N LEU A 20 13.29 -5.03 -4.82
CA LEU A 20 13.46 -5.50 -6.17
C LEU A 20 14.93 -5.46 -6.61
N LEU A 21 15.57 -4.32 -6.37
CA LEU A 21 16.96 -4.05 -6.73
C LEU A 21 17.89 -5.02 -6.00
N GLN A 22 17.56 -5.29 -4.73
CA GLN A 22 18.31 -6.25 -3.94
C GLN A 22 18.20 -7.63 -4.57
N ASN A 23 17.06 -7.94 -5.16
CA ASN A 23 16.93 -9.23 -5.81
C ASN A 23 17.48 -9.22 -7.20
N GLY A 24 18.11 -8.11 -7.57
CA GLY A 24 18.72 -8.05 -8.89
C GLY A 24 17.83 -7.80 -10.11
N HIS A 25 16.60 -7.35 -9.93
CA HIS A 25 15.85 -7.06 -11.12
C HIS A 25 16.27 -5.67 -11.60
N ASP A 26 15.87 -5.40 -12.83
CA ASP A 26 16.09 -4.10 -13.48
C ASP A 26 14.79 -3.35 -13.29
N VAL A 27 14.90 -2.24 -12.56
CA VAL A 27 13.78 -1.43 -12.18
C VAL A 27 13.67 -0.06 -12.86
N ILE A 28 12.45 0.23 -13.38
CA ILE A 28 12.09 1.51 -14.00
C ILE A 28 10.97 2.11 -13.16
N ILE A 29 11.22 3.26 -12.56
CA ILE A 29 10.24 3.92 -11.71
C ILE A 29 9.51 4.98 -12.50
N LEU A 30 8.17 4.97 -12.49
CA LEU A 30 7.41 6.01 -13.19
C LEU A 30 6.59 6.72 -12.13
N ASP A 31 6.81 8.02 -11.90
CA ASP A 31 6.03 8.71 -10.86
C ASP A 31 5.76 10.14 -11.26
N ASN A 32 4.58 10.67 -10.93
CA ASN A 32 4.33 12.05 -11.30
C ASN A 32 4.67 13.04 -10.19
N LEU A 33 5.18 12.51 -9.10
CA LEU A 33 5.61 13.35 -8.00
C LEU A 33 4.53 14.17 -7.31
N CYS A 34 3.27 13.77 -7.46
CA CYS A 34 2.24 14.56 -6.80
C CYS A 34 2.24 14.27 -5.34
N ASN A 35 2.77 13.11 -4.92
CA ASN A 35 2.71 12.81 -3.48
C ASN A 35 4.02 12.27 -2.94
N SER A 36 5.11 12.53 -3.65
CA SER A 36 6.46 12.10 -3.32
C SER A 36 7.47 13.14 -3.82
N LYS A 37 8.74 13.04 -3.41
CA LYS A 37 9.81 13.99 -3.79
C LYS A 37 10.96 13.26 -4.47
N ARG A 38 11.62 13.92 -5.45
CA ARG A 38 12.78 13.31 -6.11
C ARG A 38 13.90 12.91 -5.13
N SER A 39 13.95 13.55 -3.96
CA SER A 39 15.00 13.19 -3.01
C SER A 39 15.01 11.72 -2.51
N VAL A 40 13.93 10.96 -2.71
CA VAL A 40 13.99 9.58 -2.24
C VAL A 40 14.78 8.70 -3.21
N LEU A 41 14.83 9.15 -4.43
CA LEU A 41 15.53 8.39 -5.46
C LEU A 41 16.92 7.92 -5.08
N PRO A 42 17.74 8.85 -4.65
CA PRO A 42 19.07 8.46 -4.30
C PRO A 42 19.05 7.50 -3.10
N VAL A 43 18.04 7.57 -2.22
CA VAL A 43 18.02 6.68 -1.11
C VAL A 43 17.71 5.32 -1.64
N ILE A 44 16.76 5.31 -2.54
CA ILE A 44 16.40 4.01 -3.08
C ILE A 44 17.59 3.30 -3.70
N GLU A 45 18.30 4.04 -4.53
CA GLU A 45 19.42 3.42 -5.20
C GLU A 45 20.48 2.89 -4.23
N ARG A 46 20.75 3.69 -3.20
CA ARG A 46 21.75 3.35 -2.20
C ARG A 46 21.33 2.11 -1.40
N LEU A 47 20.11 2.09 -0.88
CA LEU A 47 19.66 0.93 -0.12
C LEU A 47 19.46 -0.29 -1.01
N GLY A 48 19.18 -0.09 -2.29
CA GLY A 48 18.92 -1.21 -3.16
C GLY A 48 20.16 -1.80 -3.68
N GLY A 49 21.18 -0.98 -3.63
CA GLY A 49 22.50 -1.38 -4.11
C GLY A 49 22.55 -1.42 -5.64
N LYS A 50 21.73 -0.66 -6.32
CA LYS A 50 21.75 -0.72 -7.76
C LYS A 50 20.91 0.43 -8.24
N HIS A 51 21.21 0.88 -9.42
CA HIS A 51 20.50 1.99 -9.93
C HIS A 51 19.22 1.68 -10.71
N PRO A 52 18.17 2.34 -10.26
CA PRO A 52 16.85 2.25 -10.90
C PRO A 52 16.68 3.40 -11.89
N THR A 53 16.01 3.19 -12.99
CA THR A 53 15.80 4.31 -13.88
C THR A 53 14.54 5.04 -13.42
N PHE A 54 14.60 6.37 -13.44
CA PHE A 54 13.46 7.22 -13.06
C PHE A 54 12.88 7.99 -14.24
N VAL A 55 11.56 7.96 -14.31
CA VAL A 55 10.87 8.70 -15.32
C VAL A 55 9.76 9.47 -14.65
N GLU A 56 9.78 10.80 -14.79
CA GLU A 56 8.74 11.59 -14.19
C GLU A 56 7.63 11.68 -15.22
N GLY A 57 6.40 11.32 -14.82
CA GLY A 57 5.28 11.35 -15.76
C GLY A 57 4.00 10.82 -15.10
N ASP A 58 2.95 10.70 -15.88
CA ASP A 58 1.67 10.30 -15.36
C ASP A 58 1.14 9.04 -16.00
N ILE A 59 0.54 8.19 -15.17
CA ILE A 59 -0.07 6.97 -15.72
C ILE A 59 -1.20 7.25 -16.77
N ARG A 60 -1.83 8.42 -16.66
CA ARG A 60 -2.91 8.84 -17.53
C ARG A 60 -2.44 9.12 -18.97
N ASN A 61 -1.12 9.32 -19.14
CA ASN A 61 -0.52 9.59 -20.47
C ASN A 61 -0.20 8.29 -21.15
N GLU A 62 -1.17 7.75 -21.88
CA GLU A 62 -1.01 6.47 -22.53
C GLU A 62 0.17 6.39 -23.48
N ALA A 63 0.42 7.49 -24.17
CA ALA A 63 1.53 7.53 -25.12
C ALA A 63 2.87 7.33 -24.46
N LEU A 64 3.06 8.03 -23.37
CA LEU A 64 4.31 7.93 -22.68
C LEU A 64 4.42 6.54 -22.07
N MET A 65 3.33 6.03 -21.56
CA MET A 65 3.42 4.67 -21.01
C MET A 65 3.88 3.67 -22.07
N THR A 66 3.29 3.77 -23.28
CA THR A 66 3.68 2.84 -24.33
C THR A 66 5.19 2.90 -24.67
N GLU A 67 5.67 4.12 -24.81
CA GLU A 67 7.07 4.45 -25.13
C GLU A 67 8.01 3.75 -24.14
N ILE A 68 7.73 4.00 -22.87
CA ILE A 68 8.48 3.45 -21.75
C ILE A 68 8.55 1.94 -21.80
N LEU A 69 7.38 1.32 -21.92
CA LEU A 69 7.30 -0.12 -21.91
C LEU A 69 8.19 -0.71 -22.98
N HIS A 70 8.15 -0.03 -24.11
CA HIS A 70 8.92 -0.44 -25.26
C HIS A 70 10.40 -0.19 -25.07
N ASP A 71 10.70 1.04 -24.71
CA ASP A 71 12.07 1.42 -24.53
C ASP A 71 12.77 0.49 -23.59
N HIS A 72 12.17 0.25 -22.44
CA HIS A 72 12.83 -0.56 -21.46
C HIS A 72 12.52 -2.02 -21.53
N ALA A 73 11.82 -2.41 -22.57
CA ALA A 73 11.53 -3.83 -22.73
C ALA A 73 10.97 -4.44 -21.46
N ILE A 74 10.01 -3.77 -20.84
CA ILE A 74 9.38 -4.28 -19.62
C ILE A 74 8.76 -5.68 -19.74
N ASP A 75 8.96 -6.51 -18.67
CA ASP A 75 8.41 -7.86 -18.61
C ASP A 75 7.16 -7.89 -17.76
N THR A 76 7.15 -7.05 -16.74
CA THR A 76 6.05 -7.02 -15.76
C THR A 76 5.92 -5.64 -15.16
N VAL A 77 4.69 -5.31 -14.69
CA VAL A 77 4.44 -4.02 -14.09
C VAL A 77 3.82 -4.17 -12.70
N ILE A 78 4.34 -3.49 -11.66
CA ILE A 78 3.80 -3.40 -10.31
C ILE A 78 3.21 -2.00 -10.25
N HIS A 79 1.90 -1.95 -10.02
CA HIS A 79 1.16 -0.69 -10.10
C HIS A 79 0.73 -0.12 -8.78
N PHE A 80 1.49 0.88 -8.29
CA PHE A 80 1.15 1.55 -7.03
C PHE A 80 0.60 2.96 -7.25
N ALA A 81 0.80 3.51 -8.44
CA ALA A 81 0.37 4.88 -8.73
C ALA A 81 -1.13 5.08 -8.58
N GLY A 82 -1.52 6.13 -7.85
CA GLY A 82 -2.93 6.49 -7.70
C GLY A 82 -3.06 7.42 -6.50
N LEU A 83 -4.32 7.86 -6.21
CA LEU A 83 -4.57 8.69 -5.02
C LEU A 83 -5.19 7.75 -3.95
N LYS A 84 -4.96 8.00 -2.65
CA LYS A 84 -5.51 7.05 -1.64
C LYS A 84 -6.10 7.67 -0.40
N ALA A 85 -6.38 8.99 -0.41
CA ALA A 85 -6.97 9.57 0.78
C ALA A 85 -8.46 9.42 0.77
N VAL A 86 -8.98 8.60 1.68
CA VAL A 86 -10.39 8.32 1.78
C VAL A 86 -11.25 9.58 1.96
N GLY A 87 -10.95 10.44 2.95
CA GLY A 87 -11.77 11.64 3.13
C GLY A 87 -11.73 12.59 1.91
N GLU A 88 -10.54 12.80 1.37
CA GLU A 88 -10.44 13.66 0.24
C GLU A 88 -11.25 13.12 -0.95
N SER A 89 -11.26 11.80 -1.11
CA SER A 89 -12.05 11.15 -2.17
C SER A 89 -13.54 11.46 -2.13
N VAL A 90 -14.11 11.61 -0.92
CA VAL A 90 -15.51 11.97 -0.73
C VAL A 90 -15.70 13.45 -1.16
N GLN A 91 -14.63 14.22 -1.00
CA GLN A 91 -14.67 15.63 -1.38
C GLN A 91 -14.38 15.89 -2.83
N LYS A 92 -13.47 15.10 -3.38
CA LYS A 92 -13.05 15.26 -4.77
C LYS A 92 -13.12 13.96 -5.54
N PRO A 93 -14.33 13.41 -5.70
CA PRO A 93 -14.51 12.10 -6.37
C PRO A 93 -13.91 11.96 -7.77
N LEU A 94 -14.10 12.99 -8.60
CA LEU A 94 -13.60 12.92 -9.97
C LEU A 94 -12.10 12.64 -10.10
N GLU A 95 -11.28 13.31 -9.27
CA GLU A 95 -9.80 13.14 -9.25
C GLU A 95 -9.45 11.73 -8.92
N TYR A 96 -10.27 11.15 -8.01
CA TYR A 96 -10.00 9.76 -7.63
C TYR A 96 -10.35 8.80 -8.77
N TYR A 97 -11.49 9.03 -9.39
CA TYR A 97 -11.86 8.15 -10.51
C TYR A 97 -10.95 8.32 -11.71
N ASP A 98 -10.47 9.54 -11.92
CA ASP A 98 -9.55 9.78 -13.04
C ASP A 98 -8.17 9.17 -12.76
N ASN A 99 -7.60 9.46 -11.56
CA ASN A 99 -6.30 8.86 -11.32
C ASN A 99 -6.28 7.32 -11.20
N ASN A 100 -7.30 6.80 -10.53
CA ASN A 100 -7.36 5.37 -10.23
C ASN A 100 -7.92 4.52 -11.35
N VAL A 101 -9.16 4.86 -11.71
CA VAL A 101 -9.81 4.07 -12.73
C VAL A 101 -9.26 4.40 -14.12
N ASN A 102 -9.33 5.62 -14.54
CA ASN A 102 -8.80 5.97 -15.87
C ASN A 102 -7.30 5.76 -15.88
N GLY A 103 -6.65 6.13 -14.77
CA GLY A 103 -5.20 5.93 -14.73
C GLY A 103 -4.79 4.46 -14.97
N THR A 104 -5.46 3.51 -14.30
CA THR A 104 -5.14 2.12 -14.56
C THR A 104 -5.45 1.66 -16.00
N LEU A 105 -6.55 2.21 -16.52
CA LEU A 105 -7.02 1.85 -17.86
C LEU A 105 -6.06 2.27 -18.92
N ARG A 106 -5.56 3.49 -18.75
CA ARG A 106 -4.63 4.00 -19.76
C ARG A 106 -3.37 3.14 -19.72
N LEU A 107 -2.93 2.85 -18.50
CA LEU A 107 -1.77 2.03 -18.23
C LEU A 107 -1.91 0.63 -18.84
N ILE A 108 -3.01 -0.07 -18.66
CA ILE A 108 -3.12 -1.41 -19.23
C ILE A 108 -3.38 -1.38 -20.72
N SER A 109 -3.90 -0.26 -21.23
CA SER A 109 -4.06 -0.10 -22.68
C SER A 109 -2.67 0.05 -23.31
N ALA A 110 -1.79 0.74 -22.67
CA ALA A 110 -0.43 0.85 -23.17
C ALA A 110 0.28 -0.50 -23.13
N MET A 111 0.05 -1.28 -22.07
CA MET A 111 0.65 -2.62 -21.99
C MET A 111 0.22 -3.49 -23.16
N ARG A 112 -1.07 -3.47 -23.46
CA ARG A 112 -1.61 -4.25 -24.57
C ARG A 112 -0.90 -3.86 -25.85
N ALA A 113 -0.77 -2.55 -26.03
CA ALA A 113 -0.09 -2.02 -27.23
C ALA A 113 1.37 -2.45 -27.29
N ALA A 114 2.03 -2.54 -26.15
CA ALA A 114 3.42 -2.90 -26.14
C ALA A 114 3.62 -4.39 -25.94
N ASN A 115 2.53 -5.13 -25.92
CA ASN A 115 2.69 -6.56 -25.73
C ASN A 115 3.17 -7.00 -24.33
N VAL A 116 2.87 -6.23 -23.28
CA VAL A 116 3.29 -6.64 -21.95
C VAL A 116 2.09 -7.33 -21.29
N LYS A 117 2.27 -8.50 -20.64
CA LYS A 117 1.11 -9.23 -20.08
C LYS A 117 1.22 -9.76 -18.66
N ASN A 118 2.12 -9.17 -17.84
CA ASN A 118 2.31 -9.51 -16.45
C ASN A 118 2.02 -8.27 -15.62
N PHE A 119 1.04 -8.37 -14.70
CA PHE A 119 0.64 -7.22 -13.88
C PHE A 119 0.39 -7.60 -12.43
N ILE A 120 0.84 -6.70 -11.55
CA ILE A 120 0.70 -6.81 -10.12
C ILE A 120 -0.04 -5.58 -9.63
N PHE A 121 -1.31 -5.75 -9.24
CA PHE A 121 -2.06 -4.59 -8.77
C PHE A 121 -2.09 -4.38 -7.25
N SER A 122 -1.63 -3.20 -6.78
CA SER A 122 -1.66 -2.86 -5.37
C SER A 122 -3.08 -2.49 -5.10
N SER A 123 -3.87 -3.46 -4.60
CA SER A 123 -5.28 -3.29 -4.32
C SER A 123 -5.63 -2.81 -2.90
N SER A 124 -6.76 -3.23 -2.33
CA SER A 124 -7.15 -2.72 -0.99
C SER A 124 -8.16 -3.63 -0.36
N ALA A 125 -8.08 -3.90 0.95
CA ALA A 125 -9.10 -4.75 1.54
C ALA A 125 -10.46 -4.10 1.63
N THR A 126 -10.53 -2.83 1.22
CA THR A 126 -11.77 -2.05 1.22
C THR A 126 -12.76 -2.75 0.29
N VAL A 127 -12.23 -3.50 -0.67
CA VAL A 127 -13.07 -4.22 -1.62
C VAL A 127 -14.09 -5.18 -1.01
N TYR A 128 -13.83 -5.65 0.23
CA TYR A 128 -14.76 -6.58 0.88
C TYR A 128 -15.99 -5.88 1.35
N GLY A 129 -15.89 -4.55 1.31
CA GLY A 129 -16.99 -3.68 1.70
C GLY A 129 -17.42 -3.96 3.13
N ASP A 130 -18.71 -3.81 3.41
CA ASP A 130 -19.11 -4.07 4.78
C ASP A 130 -19.41 -5.53 5.14
N ASN A 131 -18.39 -6.41 5.13
CA ASN A 131 -18.57 -7.81 5.49
C ASN A 131 -18.48 -7.94 7.02
N PRO A 132 -19.54 -8.48 7.64
CA PRO A 132 -19.58 -8.66 9.07
C PRO A 132 -18.80 -9.93 9.42
N LYS A 133 -18.64 -10.88 8.43
CA LYS A 133 -17.81 -12.10 8.65
C LYS A 133 -16.29 -11.81 8.66
N ILE A 134 -15.64 -12.01 9.78
CA ILE A 134 -14.22 -11.78 9.87
C ILE A 134 -13.57 -13.05 10.39
N PRO A 135 -12.31 -13.34 9.99
CA PRO A 135 -11.48 -12.54 9.10
C PRO A 135 -11.94 -12.67 7.65
N TYR A 136 -11.51 -11.70 6.81
CA TYR A 136 -11.92 -11.73 5.40
C TYR A 136 -11.05 -12.71 4.58
N VAL A 137 -11.70 -13.55 3.77
CA VAL A 137 -11.01 -14.55 2.96
C VAL A 137 -11.28 -14.23 1.50
N GLU A 138 -10.29 -14.58 0.63
CA GLU A 138 -10.33 -14.31 -0.82
C GLU A 138 -11.55 -14.94 -1.50
N SER A 139 -12.07 -15.97 -0.82
CA SER A 139 -13.23 -16.71 -1.30
C SER A 139 -14.53 -15.98 -0.99
N PHE A 140 -14.51 -14.94 -0.16
CA PHE A 140 -15.70 -14.15 0.15
C PHE A 140 -16.03 -13.25 -1.05
N PRO A 141 -17.29 -13.11 -1.39
CA PRO A 141 -17.58 -12.19 -2.50
C PRO A 141 -17.22 -10.75 -2.07
N THR A 142 -16.91 -9.86 -3.02
CA THR A 142 -16.61 -8.48 -2.70
C THR A 142 -17.93 -7.79 -2.32
N GLY A 143 -17.89 -6.61 -1.69
CA GLY A 143 -19.09 -5.90 -1.26
C GLY A 143 -19.15 -4.53 -1.89
N THR A 144 -19.80 -3.61 -1.22
CA THR A 144 -19.81 -2.32 -1.86
C THR A 144 -18.99 -1.32 -1.03
N PRO A 145 -17.83 -0.90 -1.50
CA PRO A 145 -17.06 0.05 -0.70
C PRO A 145 -17.83 1.33 -0.43
N GLN A 146 -17.58 2.03 0.68
CA GLN A 146 -18.30 3.27 0.97
C GLN A 146 -17.72 4.58 0.44
N SER A 147 -16.49 4.63 0.06
CA SER A 147 -16.11 5.92 -0.40
C SER A 147 -15.72 5.81 -1.82
N PRO A 148 -15.57 6.94 -2.50
CA PRO A 148 -15.14 6.95 -3.89
C PRO A 148 -13.80 6.22 -4.03
N TYR A 149 -12.93 6.42 -3.04
CA TYR A 149 -11.62 5.75 -3.06
C TYR A 149 -11.82 4.25 -3.13
N GLY A 150 -12.66 3.67 -2.19
CA GLY A 150 -12.87 2.23 -2.09
C GLY A 150 -13.46 1.72 -3.37
N LYS A 151 -14.43 2.49 -3.85
CA LYS A 151 -15.10 2.10 -5.05
C LYS A 151 -14.15 2.04 -6.24
N SER A 152 -13.25 3.01 -6.30
CA SER A 152 -12.31 3.04 -7.44
C SER A 152 -11.44 1.80 -7.48
N LYS A 153 -11.09 1.33 -6.26
CA LYS A 153 -10.24 0.15 -6.15
C LYS A 153 -10.96 -1.09 -6.65
N LEU A 154 -12.27 -1.22 -6.30
CA LEU A 154 -13.04 -2.37 -6.73
C LEU A 154 -13.24 -2.31 -8.24
N MET A 155 -13.53 -1.09 -8.75
CA MET A 155 -13.70 -0.93 -10.20
C MET A 155 -12.47 -1.41 -10.98
N VAL A 156 -11.28 -1.00 -10.54
CA VAL A 156 -10.07 -1.43 -11.23
C VAL A 156 -9.97 -2.96 -11.16
N GLU A 157 -10.24 -3.55 -9.99
CA GLU A 157 -10.17 -5.05 -9.91
C GLU A 157 -11.07 -5.72 -10.96
N GLN A 158 -12.32 -5.23 -11.03
CA GLN A 158 -13.22 -5.76 -12.01
C GLN A 158 -12.72 -5.55 -13.43
N ILE A 159 -12.23 -4.33 -13.73
CA ILE A 159 -11.73 -4.07 -15.10
C ILE A 159 -10.60 -5.05 -15.48
N LEU A 160 -9.66 -5.21 -14.56
CA LEU A 160 -8.54 -6.13 -14.78
C LEU A 160 -9.02 -7.57 -15.00
N THR A 161 -9.99 -7.97 -14.20
CA THR A 161 -10.54 -9.33 -14.26
C THR A 161 -11.15 -9.59 -15.64
N ASP A 162 -11.95 -8.65 -16.14
CA ASP A 162 -12.54 -8.80 -17.46
C ASP A 162 -11.44 -8.80 -18.55
N LEU A 163 -10.42 -7.97 -18.34
CA LEU A 163 -9.36 -7.93 -19.31
C LEU A 163 -8.68 -9.31 -19.42
N GLN A 164 -8.41 -9.93 -18.26
CA GLN A 164 -7.74 -11.23 -18.27
C GLN A 164 -8.57 -12.29 -18.99
N LYS A 165 -9.86 -12.21 -18.79
CA LYS A 165 -10.74 -13.17 -19.41
C LYS A 165 -10.69 -13.06 -20.95
N ALA A 166 -10.57 -11.82 -21.42
CA ALA A 166 -10.53 -11.54 -22.83
C ALA A 166 -9.17 -11.77 -23.43
N GLN A 167 -8.13 -11.76 -22.57
CA GLN A 167 -6.77 -11.94 -23.02
C GLN A 167 -6.11 -12.88 -22.05
N PRO A 168 -6.52 -14.11 -22.18
CA PRO A 168 -6.18 -15.22 -21.31
C PRO A 168 -4.72 -15.55 -21.06
N ASP A 169 -3.84 -14.94 -21.80
CA ASP A 169 -2.43 -15.20 -21.55
C ASP A 169 -1.91 -14.27 -20.48
N TRP A 170 -2.70 -13.30 -20.07
CA TRP A 170 -2.21 -12.40 -19.03
C TRP A 170 -2.13 -13.06 -17.63
N SER A 171 -1.17 -12.60 -16.80
CA SER A 171 -1.06 -13.01 -15.41
C SER A 171 -1.34 -11.71 -14.63
N ILE A 172 -2.36 -11.70 -13.78
CA ILE A 172 -2.68 -10.49 -13.00
C ILE A 172 -2.89 -10.81 -11.53
N ALA A 173 -2.07 -10.22 -10.66
CA ALA A 173 -2.27 -10.41 -9.20
C ALA A 173 -3.09 -9.23 -8.66
N LEU A 174 -4.02 -9.52 -7.73
CA LEU A 174 -4.80 -8.48 -7.06
C LEU A 174 -4.39 -8.65 -5.63
N LEU A 175 -3.51 -7.76 -5.15
CA LEU A 175 -2.97 -7.84 -3.79
C LEU A 175 -3.78 -6.97 -2.83
N ARG A 176 -4.53 -7.59 -1.92
CA ARG A 176 -5.39 -6.82 -0.96
C ARG A 176 -4.84 -6.72 0.43
N TYR A 177 -4.87 -5.50 0.99
CA TYR A 177 -4.34 -5.34 2.35
C TYR A 177 -4.94 -4.17 3.01
N PHE A 178 -4.67 -4.06 4.33
CA PHE A 178 -5.21 -2.90 5.05
C PHE A 178 -4.22 -1.80 5.32
N ASN A 179 -3.71 -1.76 6.58
CA ASN A 179 -2.83 -0.63 6.97
C ASN A 179 -1.35 -0.84 7.03
N PRO A 180 -0.68 -0.34 5.98
CA PRO A 180 0.79 -0.41 5.87
C PRO A 180 1.41 0.62 6.83
N VAL A 181 2.34 0.15 7.63
CA VAL A 181 2.96 1.01 8.61
C VAL A 181 4.43 0.65 8.73
N GLY A 182 5.19 1.51 9.40
CA GLY A 182 6.56 1.13 9.52
C GLY A 182 7.47 1.80 8.53
N ALA A 183 8.72 1.38 8.57
CA ALA A 183 9.74 1.98 7.72
C ALA A 183 10.94 1.08 7.53
N HIS A 184 11.72 1.38 6.48
CA HIS A 184 12.93 0.64 6.24
C HIS A 184 13.76 0.67 7.57
N PRO A 185 14.34 -0.48 7.89
CA PRO A 185 15.08 -0.60 9.13
C PRO A 185 16.27 0.40 9.21
N SER A 186 16.71 0.97 8.09
CA SER A 186 17.79 1.94 8.12
C SER A 186 17.35 3.24 8.79
N GLY A 187 16.03 3.52 8.80
CA GLY A 187 15.47 4.76 9.35
C GLY A 187 15.69 5.90 8.37
N ASP A 188 16.14 5.56 7.14
CA ASP A 188 16.41 6.55 6.07
C ASP A 188 15.35 6.66 4.98
N MET A 189 14.28 5.89 5.14
CA MET A 189 13.06 5.86 4.30
C MET A 189 11.87 5.63 5.25
N GLY A 190 10.73 6.22 4.92
CA GLY A 190 9.53 6.02 5.76
C GLY A 190 8.39 6.79 5.14
N GLU A 191 7.25 6.81 5.81
CA GLU A 191 6.11 7.56 5.31
C GLU A 191 6.34 9.05 5.59
N ASP A 192 6.13 9.87 4.56
CA ASP A 192 6.33 11.29 4.63
C ASP A 192 5.01 11.98 4.24
N PRO A 193 4.01 11.86 5.08
CA PRO A 193 2.76 12.49 4.69
C PRO A 193 2.82 14.00 4.90
N GLN A 194 2.20 14.66 3.96
CA GLN A 194 2.08 16.11 4.03
C GLN A 194 0.71 16.39 4.62
N GLY A 195 0.67 17.43 5.43
CA GLY A 195 -0.60 17.76 6.10
C GLY A 195 -1.05 16.78 7.17
N ILE A 196 -2.34 16.81 7.55
CA ILE A 196 -2.87 15.94 8.62
C ILE A 196 -2.90 14.51 8.20
N PRO A 197 -2.26 13.60 8.99
CA PRO A 197 -2.27 12.18 8.69
C PRO A 197 -3.65 11.60 9.02
N ASN A 198 -4.14 10.80 8.07
CA ASN A 198 -5.46 10.19 8.20
C ASN A 198 -5.40 8.87 8.93
N ASN A 199 -4.33 8.16 8.60
CA ASN A 199 -4.00 6.85 9.19
C ASN A 199 -3.50 7.00 10.66
N LEU A 200 -4.08 6.17 11.54
CA LEU A 200 -3.78 6.07 12.96
C LEU A 200 -2.26 6.14 13.28
N MET A 201 -1.52 5.22 12.74
CA MET A 201 -0.12 5.23 13.04
C MET A 201 0.65 6.56 12.88
N PRO A 202 0.58 7.12 11.66
CA PRO A 202 1.23 8.39 11.32
C PRO A 202 0.78 9.52 12.28
N TYR A 203 -0.51 9.48 12.59
CA TYR A 203 -1.09 10.43 13.47
C TYR A 203 -0.42 10.25 14.83
N ILE A 204 -0.45 9.01 15.34
CA ILE A 204 0.17 8.73 16.66
C ILE A 204 1.60 9.20 16.68
N ALA A 205 2.26 8.93 15.57
CA ALA A 205 3.62 9.31 15.41
C ALA A 205 3.81 10.83 15.52
N GLN A 206 2.91 11.58 14.91
CA GLN A 206 3.03 13.03 14.95
C GLN A 206 2.77 13.64 16.32
N VAL A 207 1.91 13.00 17.08
CA VAL A 207 1.60 13.43 18.45
C VAL A 207 2.82 13.15 19.31
N ALA A 208 3.41 11.98 19.13
CA ALA A 208 4.53 11.60 19.94
C ALA A 208 5.73 12.51 19.67
N VAL A 209 5.90 12.85 18.42
CA VAL A 209 7.01 13.68 18.05
C VAL A 209 6.78 15.11 18.51
N GLY A 210 5.57 15.41 18.94
CA GLY A 210 5.26 16.77 19.38
C GLY A 210 4.61 17.66 18.31
N ARG A 211 4.25 17.11 17.14
CA ARG A 211 3.63 17.93 16.11
C ARG A 211 2.14 18.17 16.36
N ARG A 212 1.57 17.27 17.18
CA ARG A 212 0.16 17.28 17.54
C ARG A 212 0.00 17.10 19.04
N ASP A 213 -1.10 17.67 19.51
CA ASP A 213 -1.38 17.62 20.92
C ASP A 213 -1.83 16.22 21.45
N SER A 214 -2.93 15.68 20.90
CA SER A 214 -3.43 14.42 21.47
C SER A 214 -4.15 13.60 20.45
N LEU A 215 -4.06 12.30 20.64
CA LEU A 215 -4.81 11.45 19.73
C LEU A 215 -6.27 11.30 20.18
N ALA A 216 -7.23 11.46 19.25
CA ALA A 216 -8.62 11.21 19.61
C ALA A 216 -8.88 9.75 19.25
N ILE A 217 -9.42 9.01 20.19
CA ILE A 217 -9.77 7.60 19.98
C ILE A 217 -11.29 7.48 19.74
N PHE A 218 -11.69 7.00 18.55
CA PHE A 218 -13.12 6.87 18.18
C PHE A 218 -13.84 5.67 18.80
N GLY A 219 -14.42 5.90 19.97
CA GLY A 219 -15.18 4.92 20.76
C GLY A 219 -14.30 4.08 21.70
N ASN A 220 -14.88 3.71 22.79
CA ASN A 220 -14.23 2.87 23.77
C ASN A 220 -15.27 1.91 24.30
N ASP A 221 -16.34 1.71 23.50
CA ASP A 221 -17.41 0.81 23.90
C ASP A 221 -17.74 -0.28 22.93
N TYR A 222 -16.74 -0.68 22.15
CA TYR A 222 -16.93 -1.76 21.23
C TYR A 222 -16.85 -3.10 21.94
N PRO A 223 -17.44 -4.13 21.33
CA PRO A 223 -17.42 -5.50 21.82
C PRO A 223 -16.07 -6.18 21.53
N THR A 224 -14.98 -5.52 21.96
CA THR A 224 -13.64 -6.02 21.75
C THR A 224 -13.02 -6.13 23.15
N GLU A 225 -11.92 -6.84 23.29
CA GLU A 225 -11.32 -6.98 24.62
C GLU A 225 -11.10 -5.67 25.44
N ASP A 226 -10.63 -4.61 24.80
CA ASP A 226 -10.39 -3.38 25.53
C ASP A 226 -11.37 -2.29 25.17
N GLY A 227 -12.39 -2.62 24.35
CA GLY A 227 -13.40 -1.63 23.99
C GLY A 227 -13.05 -0.73 22.83
N THR A 228 -11.79 -0.75 22.34
CA THR A 228 -11.43 0.08 21.17
C THR A 228 -11.45 -0.79 19.90
N GLY A 229 -11.53 -0.14 18.74
CA GLY A 229 -11.56 -0.84 17.46
C GLY A 229 -10.31 -1.64 17.16
N VAL A 230 -10.57 -2.83 16.59
CA VAL A 230 -9.50 -3.75 16.24
C VAL A 230 -9.31 -3.77 14.74
N ARG A 231 -8.06 -3.51 14.30
CA ARG A 231 -7.67 -3.42 12.89
C ARG A 231 -6.45 -4.23 12.52
N ASP A 232 -6.18 -4.14 11.22
CA ASP A 232 -5.13 -4.83 10.55
C ASP A 232 -4.00 -3.90 10.03
N TYR A 233 -2.80 -4.17 10.58
CA TYR A 233 -1.60 -3.43 10.29
C TYR A 233 -0.52 -4.34 9.84
N ILE A 234 0.12 -3.94 8.77
CA ILE A 234 1.17 -4.71 8.16
C ILE A 234 2.41 -3.86 7.97
N HIS A 235 3.56 -4.38 8.37
CA HIS A 235 4.80 -3.66 8.17
C HIS A 235 5.08 -3.45 6.65
N VAL A 236 5.39 -2.22 6.23
CA VAL A 236 5.68 -1.89 4.84
C VAL A 236 6.76 -2.80 4.24
N MET A 237 7.72 -3.30 5.05
CA MET A 237 8.76 -4.19 4.50
C MET A 237 8.19 -5.56 4.13
N ASP A 238 7.28 -6.10 4.99
CA ASP A 238 6.58 -7.37 4.76
C ASP A 238 5.71 -7.24 3.49
N LEU A 239 5.01 -6.08 3.39
CA LEU A 239 4.12 -5.74 2.25
C LEU A 239 4.94 -5.69 0.93
N ALA A 240 6.09 -4.95 0.97
CA ALA A 240 7.00 -4.85 -0.16
C ALA A 240 7.42 -6.26 -0.53
N ASP A 241 7.81 -7.04 0.47
CA ASP A 241 8.23 -8.40 0.14
C ASP A 241 7.12 -9.19 -0.58
N GLY A 242 5.90 -9.08 -0.09
CA GLY A 242 4.80 -9.82 -0.66
C GLY A 242 4.62 -9.46 -2.10
N HIS A 243 4.83 -8.20 -2.43
CA HIS A 243 4.67 -7.68 -3.80
C HIS A 243 5.74 -8.28 -4.71
N VAL A 244 6.98 -8.36 -4.16
CA VAL A 244 8.11 -8.95 -4.90
C VAL A 244 7.87 -10.46 -5.19
N VAL A 245 7.51 -11.23 -4.16
CA VAL A 245 7.28 -12.67 -4.32
C VAL A 245 6.19 -12.95 -5.35
N ALA A 246 5.09 -12.19 -5.21
CA ALA A 246 3.96 -12.31 -6.14
C ALA A 246 4.46 -12.06 -7.60
N MET A 247 5.24 -10.98 -7.79
CA MET A 247 5.77 -10.62 -9.12
C MET A 247 6.61 -11.75 -9.67
N GLU A 248 7.52 -12.26 -8.82
CA GLU A 248 8.40 -13.36 -9.23
C GLU A 248 7.68 -14.64 -9.49
N LYS A 249 6.77 -15.05 -8.61
CA LYS A 249 6.18 -16.36 -8.82
C LYS A 249 5.04 -16.40 -9.73
N LEU A 250 4.40 -15.26 -9.94
CA LEU A 250 3.23 -15.31 -10.76
C LEU A 250 3.54 -14.97 -12.23
N ALA A 251 4.70 -14.38 -12.50
CA ALA A 251 5.02 -14.04 -13.89
C ALA A 251 4.78 -15.20 -14.86
N ASN A 252 4.00 -14.95 -15.94
CA ASN A 252 3.78 -15.95 -16.97
C ASN A 252 2.94 -17.09 -16.56
N LYS A 253 2.27 -16.93 -15.43
CA LYS A 253 1.33 -17.98 -15.01
C LYS A 253 -0.03 -17.32 -15.27
N PRO A 254 -0.69 -17.67 -16.37
CA PRO A 254 -1.95 -17.01 -16.70
C PRO A 254 -3.01 -17.14 -15.63
N GLY A 255 -3.78 -16.07 -15.45
CA GLY A 255 -4.86 -16.06 -14.48
C GLY A 255 -4.92 -14.74 -13.71
N VAL A 256 -5.94 -14.64 -12.84
CA VAL A 256 -6.23 -13.58 -11.90
C VAL A 256 -5.97 -14.19 -10.50
N HIS A 257 -4.87 -13.79 -9.92
CA HIS A 257 -4.41 -14.33 -8.66
C HIS A 257 -4.74 -13.36 -7.54
N ILE A 258 -5.67 -13.76 -6.67
CA ILE A 258 -6.08 -12.89 -5.57
C ILE A 258 -5.48 -13.28 -4.24
N TYR A 259 -4.81 -12.31 -3.60
CA TYR A 259 -4.20 -12.62 -2.33
C TYR A 259 -4.33 -11.51 -1.37
N ASN A 260 -4.68 -11.88 -0.13
CA ASN A 260 -4.69 -10.95 0.99
C ASN A 260 -3.26 -10.97 1.57
N LEU A 261 -2.72 -9.81 1.89
CA LEU A 261 -1.39 -9.68 2.51
C LEU A 261 -1.59 -9.02 3.87
N GLY A 262 -1.28 -9.75 4.93
CA GLY A 262 -1.45 -9.22 6.29
C GLY A 262 -0.88 -10.25 7.26
N ALA A 263 -0.91 -9.89 8.55
CA ALA A 263 -0.39 -10.74 9.63
C ALA A 263 -1.32 -11.89 10.02
N GLY A 264 -2.59 -11.72 9.71
CA GLY A 264 -3.61 -12.72 10.02
C GLY A 264 -4.27 -12.48 11.35
N VAL A 265 -3.97 -11.34 11.98
CA VAL A 265 -4.53 -10.95 13.26
C VAL A 265 -4.78 -9.47 13.27
N GLY A 266 -5.61 -9.07 14.24
CA GLY A 266 -6.01 -7.71 14.51
C GLY A 266 -5.30 -7.19 15.79
N ASN A 267 -5.21 -5.85 15.92
CA ASN A 267 -4.66 -5.14 17.09
C ASN A 267 -5.58 -3.97 17.29
N SER A 268 -5.85 -3.64 18.58
CA SER A 268 -6.71 -2.53 18.97
C SER A 268 -5.98 -1.19 18.92
N VAL A 269 -6.81 -0.13 19.05
CA VAL A 269 -6.22 1.19 19.04
C VAL A 269 -5.23 1.29 20.19
N LEU A 270 -5.67 0.87 21.40
CA LEU A 270 -4.80 0.98 22.56
C LEU A 270 -3.54 0.18 22.39
N ASP A 271 -3.70 -0.98 21.75
CA ASP A 271 -2.52 -1.83 21.53
C ASP A 271 -1.49 -1.06 20.70
N VAL A 272 -2.00 -0.39 19.67
CA VAL A 272 -1.08 0.35 18.80
C VAL A 272 -0.45 1.55 19.56
N VAL A 273 -1.28 2.27 20.33
CA VAL A 273 -0.77 3.42 21.12
C VAL A 273 0.30 2.95 22.09
N ASN A 274 -0.03 1.85 22.83
CA ASN A 274 0.97 1.34 23.78
C ASN A 274 2.29 0.94 23.11
N ALA A 275 2.22 0.31 21.91
CA ALA A 275 3.43 -0.10 21.18
C ALA A 275 4.30 1.11 20.87
N PHE A 276 3.60 2.15 20.50
CA PHE A 276 4.24 3.42 20.16
C PHE A 276 4.87 4.11 21.41
N SER A 277 4.09 4.22 22.52
CA SER A 277 4.64 4.81 23.75
C SER A 277 5.95 4.10 24.05
N LYS A 278 5.87 2.78 23.89
CA LYS A 278 7.03 1.89 24.07
C LYS A 278 8.19 2.30 23.16
N ALA A 279 7.97 2.43 21.85
CA ALA A 279 9.04 2.78 20.90
C ALA A 279 9.61 4.17 21.09
N CYS A 280 8.77 5.14 21.35
CA CYS A 280 9.25 6.50 21.48
C CYS A 280 9.73 6.90 22.87
N GLY A 281 9.54 6.05 23.85
CA GLY A 281 10.00 6.32 25.19
C GLY A 281 9.23 7.31 26.04
N LYS A 282 7.98 7.52 25.71
CA LYS A 282 7.16 8.44 26.47
C LYS A 282 5.75 8.09 26.14
N PRO A 283 4.88 8.34 27.09
CA PRO A 283 3.47 8.05 26.97
C PRO A 283 2.82 8.93 25.91
N VAL A 284 2.25 8.32 24.88
CA VAL A 284 1.57 9.07 23.85
C VAL A 284 0.29 9.66 24.44
N ASN A 285 0.01 10.95 24.16
CA ASN A 285 -1.21 11.59 24.65
C ASN A 285 -2.45 11.24 23.80
N TYR A 286 -3.55 10.97 24.51
CA TYR A 286 -4.75 10.63 23.82
C TYR A 286 -5.94 10.88 24.71
N HIS A 287 -7.12 10.91 24.10
CA HIS A 287 -8.42 11.08 24.77
C HIS A 287 -9.43 10.32 23.95
N PHE A 288 -10.58 10.08 24.54
CA PHE A 288 -11.60 9.34 23.81
C PHE A 288 -12.60 10.27 23.20
N ALA A 289 -13.08 9.84 22.08
CA ALA A 289 -14.08 10.58 21.34
C ALA A 289 -15.19 9.61 20.99
N PRO A 290 -16.24 10.03 20.30
CA PRO A 290 -17.27 9.06 19.99
C PRO A 290 -16.88 8.23 18.80
N ARG A 291 -17.66 7.16 18.61
CA ARG A 291 -17.43 6.25 17.52
C ARG A 291 -17.50 6.99 16.24
N ARG A 292 -16.70 6.48 15.34
CA ARG A 292 -16.68 7.05 14.01
C ARG A 292 -17.74 6.28 13.22
N GLU A 293 -18.62 7.03 12.61
CA GLU A 293 -19.69 6.42 11.87
C GLU A 293 -19.26 5.46 10.72
N GLY A 294 -19.83 4.22 10.77
CA GLY A 294 -19.59 3.13 9.81
C GLY A 294 -18.50 2.14 10.21
N ASP A 295 -17.96 2.40 11.37
CA ASP A 295 -16.90 1.58 11.88
C ASP A 295 -17.41 0.25 12.40
N LEU A 296 -16.66 -0.82 12.08
CA LEU A 296 -16.93 -2.13 12.62
C LEU A 296 -16.14 -2.14 13.93
N PRO A 297 -16.43 -3.02 14.85
CA PRO A 297 -15.66 -3.10 16.07
C PRO A 297 -14.30 -3.77 15.78
N ALA A 298 -14.33 -4.70 14.82
CA ALA A 298 -13.10 -5.38 14.48
C ALA A 298 -13.06 -5.87 13.06
N CYS A 299 -11.85 -5.84 12.50
CA CYS A 299 -11.70 -6.27 11.15
C CYS A 299 -10.28 -6.63 10.83
N TRP A 300 -10.06 -7.77 10.12
CA TRP A 300 -8.73 -8.19 9.68
C TRP A 300 -8.83 -9.22 8.59
N ALA A 301 -7.71 -9.41 7.90
CA ALA A 301 -7.68 -10.34 6.80
C ALA A 301 -7.09 -11.70 7.17
N ASP A 302 -7.59 -12.76 6.52
CA ASP A 302 -7.02 -14.12 6.66
C ASP A 302 -5.90 -14.24 5.57
N ALA A 303 -4.62 -14.43 5.97
CA ALA A 303 -3.54 -14.49 4.97
C ALA A 303 -3.02 -15.92 4.66
N SER A 304 -3.82 -16.94 4.96
CA SER A 304 -3.45 -18.36 4.74
C SER A 304 -3.11 -18.73 3.30
N LYS A 305 -3.90 -18.17 2.39
CA LYS A 305 -3.72 -18.49 0.99
C LYS A 305 -2.32 -18.15 0.48
N ALA A 306 -1.90 -16.94 0.88
CA ALA A 306 -0.58 -16.45 0.48
C ALA A 306 0.51 -17.32 1.11
N ASP A 307 0.29 -17.75 2.36
CA ASP A 307 1.26 -18.62 3.03
C ASP A 307 1.39 -19.91 2.22
N ARG A 308 0.22 -20.46 1.91
CA ARG A 308 0.16 -21.72 1.19
C ARG A 308 0.68 -21.70 -0.24
N GLU A 309 0.19 -20.76 -1.02
CA GLU A 309 0.55 -20.65 -2.43
C GLU A 309 1.82 -19.96 -2.76
N LEU A 310 2.15 -18.93 -2.01
CA LEU A 310 3.40 -18.21 -2.32
C LEU A 310 4.50 -18.45 -1.30
N ASN A 311 4.14 -19.23 -0.26
CA ASN A 311 5.07 -19.46 0.82
C ASN A 311 5.48 -18.10 1.41
N TRP A 312 4.52 -17.18 1.53
CA TRP A 312 4.82 -15.87 2.07
C TRP A 312 4.03 -15.68 3.34
N ARG A 313 4.66 -15.03 4.34
CA ARG A 313 3.99 -14.68 5.57
C ARG A 313 4.70 -13.50 6.16
N VAL A 314 4.08 -12.76 7.07
CA VAL A 314 4.83 -11.64 7.65
C VAL A 314 5.99 -12.09 8.56
N THR A 315 7.00 -11.25 8.68
CA THR A 315 8.07 -11.57 9.60
C THR A 315 8.34 -10.42 10.58
N ARG A 316 7.69 -9.24 10.41
CA ARG A 316 7.94 -8.10 11.33
C ARG A 316 6.81 -8.05 12.35
N THR A 317 7.08 -7.49 13.53
CA THR A 317 6.07 -7.39 14.60
C THR A 317 5.50 -6.00 14.73
N LEU A 318 4.46 -5.91 15.56
CA LEU A 318 3.87 -4.60 15.85
C LEU A 318 4.89 -3.64 16.48
N ASP A 319 5.69 -4.18 17.41
CA ASP A 319 6.67 -3.33 18.03
C ASP A 319 7.65 -2.85 17.01
N GLU A 320 8.05 -3.73 16.11
CA GLU A 320 8.98 -3.30 15.10
C GLU A 320 8.35 -2.21 14.24
N MET A 321 7.04 -2.35 13.95
CA MET A 321 6.38 -1.35 13.15
C MET A 321 6.54 0.00 13.81
N ALA A 322 6.29 0.06 15.15
CA ALA A 322 6.42 1.29 15.96
C ALA A 322 7.88 1.82 16.02
N GLN A 323 8.80 0.92 16.34
CA GLN A 323 10.23 1.27 16.41
C GLN A 323 10.82 1.86 15.11
N ASP A 324 10.55 1.19 14.00
CA ASP A 324 11.07 1.60 12.69
C ASP A 324 10.51 2.96 12.27
N THR A 325 9.23 3.18 12.61
CA THR A 325 8.59 4.47 12.36
C THR A 325 9.33 5.55 13.18
N TRP A 326 9.41 5.35 14.50
CA TRP A 326 10.09 6.29 15.32
C TRP A 326 11.53 6.47 14.87
N HIS A 327 12.16 5.41 14.44
CA HIS A 327 13.50 5.50 13.99
C HIS A 327 13.62 6.46 12.77
N TRP A 328 12.72 6.36 11.80
CA TRP A 328 12.77 7.25 10.63
C TRP A 328 12.45 8.69 11.01
N GLN A 329 11.52 8.86 11.92
CA GLN A 329 11.25 10.23 12.31
C GLN A 329 12.46 10.87 12.93
N SER A 330 13.07 10.09 13.81
CA SER A 330 14.25 10.55 14.53
C SER A 330 15.39 10.96 13.64
N ARG A 331 15.64 10.17 12.60
CA ARG A 331 16.70 10.48 11.68
C ARG A 331 16.35 11.57 10.68
N HIS A 332 15.08 11.63 10.24
CA HIS A 332 14.66 12.60 9.21
C HIS A 332 13.38 13.33 9.60
N PRO A 333 13.51 14.08 10.69
CA PRO A 333 12.48 14.87 11.30
C PRO A 333 11.71 15.78 10.35
N GLN A 334 12.35 16.17 9.22
CA GLN A 334 11.70 17.01 8.23
C GLN A 334 11.37 16.22 6.98
N GLY A 335 11.45 14.90 7.07
CA GLY A 335 11.15 14.11 5.91
C GLY A 335 12.20 14.27 4.86
N TYR A 336 11.78 14.01 3.65
CA TYR A 336 12.63 14.08 2.50
C TYR A 336 12.86 15.51 2.13
N PRO A 337 14.10 15.83 1.78
CA PRO A 337 14.44 17.20 1.44
C PRO A 337 13.83 17.65 0.16
N ASP A 338 13.56 18.93 0.16
CA ASP A 338 13.04 19.58 -1.04
C ASP A 338 14.14 19.95 -2.09
#